data_2E1A
#
_entry.id   2E1A
#
_cell.length_a   95.8
_cell.length_b   95.8
_cell.length_c   95.3
_cell.angle_alpha   90
_cell.angle_beta   90
_cell.angle_gamma   120
#
_symmetry.space_group_name_H-M   'P 32 2 1'
#
loop_
_entity.id
_entity.type
_entity.pdbx_description
1 polymer '75aa long hypothetical regulatory protein AsnC'
2 non-polymer SELENOMETHIONINE
3 water water
#
_entity_poly.entity_id   1
_entity_poly.type   'polypeptide(L)'
_entity_poly.pdbx_seq_one_letter_code
;MVTAFILMVTAAGKEREVMEKLLAMPEVKEAYVVYGEYDLIVKVETDTLKDLDQFITEKIRKMPEIQMTSTMIAI
;
_entity_poly.pdbx_strand_id   A,B,C,D
#
# COMPACT_ATOMS: atom_id res chain seq x y z
N MET A 1 29.75 4.35 7.02
CA MET A 1 28.94 4.40 5.77
C MET A 1 27.46 4.49 6.14
N VAL A 2 26.66 5.11 5.28
CA VAL A 2 25.23 5.23 5.57
C VAL A 2 24.35 4.60 4.49
N THR A 3 23.41 3.77 4.92
CA THR A 3 22.46 3.16 3.99
C THR A 3 21.08 3.61 4.45
N ALA A 4 20.26 4.05 3.49
CA ALA A 4 18.91 4.51 3.80
C ALA A 4 17.96 4.25 2.65
N PHE A 5 16.67 4.16 2.98
CA PHE A 5 15.63 3.95 2.00
C PHE A 5 14.73 5.17 2.03
N ILE A 6 14.45 5.72 0.86
CA ILE A 6 13.60 6.88 0.76
C ILE A 6 12.33 6.48 0.01
N LEU A 7 11.18 6.62 0.67
CA LEU A 7 9.90 6.28 0.04
C LEU A 7 9.39 7.62 -0.45
N MET A 8 8.90 7.67 -1.67
CA MET A 8 8.40 8.94 -2.17
C MET A 8 7.14 8.92 -3.01
N VAL A 9 6.40 10.01 -2.89
CA VAL A 9 5.19 10.18 -3.66
C VAL A 9 5.61 11.13 -4.78
N THR A 10 5.23 10.82 -6.00
CA THR A 10 5.57 11.67 -7.14
C THR A 10 4.27 12.07 -7.83
N ALA A 11 4.35 13.04 -8.73
CA ALA A 11 3.17 13.48 -9.47
C ALA A 11 2.70 12.27 -10.29
N ALA A 12 1.39 12.08 -10.36
CA ALA A 12 0.85 10.95 -11.11
C ALA A 12 1.39 10.92 -12.52
N GLY A 13 1.96 9.79 -12.92
CA GLY A 13 2.49 9.68 -14.27
C GLY A 13 3.93 10.14 -14.45
N LYS A 14 4.58 10.55 -13.37
CA LYS A 14 5.96 11.00 -13.42
C LYS A 14 6.91 10.03 -12.71
N GLU A 15 6.34 9.06 -12.00
CA GLU A 15 7.15 8.09 -11.25
C GLU A 15 8.28 7.46 -12.07
N ARG A 16 8.01 7.00 -13.28
CA ARG A 16 9.08 6.39 -14.06
C ARG A 16 10.17 7.34 -14.51
N GLU A 17 9.82 8.52 -14.99
CA GLU A 17 10.87 9.45 -15.42
C GLU A 17 11.68 9.89 -14.20
N VAL A 18 11.03 10.04 -13.05
CA VAL A 18 11.76 10.44 -11.86
C VAL A 18 12.74 9.32 -11.50
N MET A 19 12.26 8.08 -11.54
CA MET A 19 13.10 6.94 -11.21
C MET A 19 14.35 6.86 -12.10
N GLU A 20 14.18 7.07 -13.41
CA GLU A 20 15.32 7.04 -14.33
C GLU A 20 16.32 8.11 -13.93
N LYS A 21 15.83 9.27 -13.51
CA LYS A 21 16.71 10.34 -13.11
C LYS A 21 17.47 9.97 -11.84
N LEU A 22 16.78 9.34 -10.90
CA LEU A 22 17.43 8.94 -9.65
C LEU A 22 18.41 7.79 -9.88
N LEU A 23 18.03 6.82 -10.71
CA LEU A 23 18.90 5.67 -10.99
C LEU A 23 20.25 6.10 -11.58
N ALA A 24 20.26 7.26 -12.23
CA ALA A 24 21.47 7.80 -12.85
C ALA A 24 22.41 8.37 -11.79
N MET A 25 21.88 8.65 -10.60
CA MET A 25 22.68 9.21 -9.51
C MET A 25 23.52 8.14 -8.81
N PRO A 26 24.81 8.43 -8.58
CA PRO A 26 25.73 7.49 -7.91
C PRO A 26 25.28 7.00 -6.54
N GLU A 27 24.64 7.88 -5.78
CA GLU A 27 24.16 7.52 -4.45
C GLU A 27 23.04 6.49 -4.50
N VAL A 28 22.35 6.40 -5.64
CA VAL A 28 21.23 5.46 -5.77
C VAL A 28 21.65 4.06 -6.22
N LYS A 29 21.40 3.09 -5.35
CA LYS A 29 21.72 1.70 -5.60
C LYS A 29 20.55 0.92 -6.20
N GLU A 30 19.33 1.25 -5.77
CA GLU A 30 18.14 0.59 -6.29
C GLU A 30 16.97 1.58 -6.29
N ALA A 31 16.01 1.34 -7.18
CA ALA A 31 14.85 2.19 -7.27
C ALA A 31 13.72 1.38 -7.89
N TYR A 32 12.55 1.46 -7.29
CA TYR A 32 11.39 0.73 -7.76
C TYR A 32 10.13 1.56 -7.66
N VAL A 33 9.28 1.42 -8.67
CA VAL A 33 7.98 2.07 -8.65
C VAL A 33 7.17 1.06 -7.84
N VAL A 34 6.42 1.49 -6.84
CA VAL A 34 5.64 0.56 -6.03
C VAL A 34 4.15 0.93 -5.88
N TYR A 35 3.35 -0.05 -5.44
CA TYR A 35 1.92 0.15 -5.21
C TYR A 35 1.74 0.57 -3.75
N GLY A 36 0.77 1.45 -3.48
CA GLY A 36 0.52 1.88 -2.11
C GLY A 36 0.57 3.38 -1.89
N GLU A 37 0.63 3.83 -0.64
CA GLU A 37 0.67 5.25 -0.39
C GLU A 37 1.88 5.92 -1.05
N TYR A 38 2.94 5.16 -1.25
CA TYR A 38 4.15 5.68 -1.89
C TYR A 38 4.24 5.20 -3.33
N ASP A 39 4.93 5.96 -4.18
CA ASP A 39 5.06 5.59 -5.58
C ASP A 39 6.45 5.06 -5.93
N LEU A 40 7.45 5.47 -5.17
CA LEU A 40 8.81 5.03 -5.42
C LEU A 40 9.54 4.70 -4.13
N ILE A 41 10.41 3.71 -4.19
CA ILE A 41 11.24 3.37 -3.04
C ILE A 41 12.64 3.39 -3.63
N VAL A 42 13.52 4.11 -2.96
CA VAL A 42 14.89 4.25 -3.41
C VAL A 42 15.86 3.90 -2.29
N LYS A 43 16.90 3.15 -2.63
CA LYS A 43 17.88 2.79 -1.64
C LYS A 43 19.13 3.58 -1.98
N VAL A 44 19.65 4.32 -0.99
CA VAL A 44 20.83 5.13 -1.20
C VAL A 44 21.92 4.77 -0.19
N GLU A 45 23.16 5.03 -0.57
CA GLU A 45 24.29 4.78 0.29
C GLU A 45 25.23 5.96 0.15
N THR A 46 25.61 6.55 1.28
CA THR A 46 26.50 7.70 1.30
C THR A 46 27.54 7.52 2.39
N ASP A 47 28.69 8.16 2.22
CA ASP A 47 29.76 8.05 3.20
C ASP A 47 29.32 8.54 4.58
N THR A 48 28.56 9.63 4.62
CA THR A 48 28.16 10.20 5.89
C THR A 48 26.70 10.64 5.91
N LEU A 49 26.22 10.94 7.12
CA LEU A 49 24.86 11.41 7.30
C LEU A 49 24.75 12.76 6.62
N LYS A 50 25.81 13.55 6.71
CA LYS A 50 25.85 14.87 6.08
C LYS A 50 25.68 14.75 4.57
N ASP A 51 26.23 13.69 3.98
CA ASP A 51 26.09 13.49 2.54
C ASP A 51 24.64 13.09 2.26
N LEU A 52 24.03 12.37 3.20
CA LEU A 52 22.65 11.95 3.02
C LEU A 52 21.82 13.23 3.08
N ASP A 53 22.13 14.08 4.06
CA ASP A 53 21.43 15.36 4.23
C ASP A 53 21.40 16.13 2.90
N GLN A 54 22.58 16.27 2.29
CA GLN A 54 22.73 17.00 1.04
C GLN A 54 22.10 16.30 -0.16
N PHE A 55 21.97 14.98 -0.10
CA PHE A 55 21.33 14.28 -1.20
C PHE A 55 19.85 14.65 -1.17
N ILE A 56 19.28 14.71 0.03
CA ILE A 56 17.89 15.05 0.21
C ILE A 56 17.58 16.50 -0.19
N THR A 57 18.41 17.44 0.28
CA THR A 57 18.18 18.85 -0.01
C THR A 57 18.60 19.34 -1.40
N GLU A 58 19.79 18.91 -1.85
CA GLU A 58 20.29 19.36 -3.15
C GLU A 58 19.82 18.52 -4.33
N LYS A 59 19.25 17.35 -4.05
CA LYS A 59 18.80 16.55 -5.16
C LYS A 59 17.33 16.26 -5.11
N ILE A 60 16.89 15.49 -4.13
CA ILE A 60 15.50 15.14 -4.03
C ILE A 60 14.53 16.33 -3.95
N ARG A 61 14.77 17.24 -3.00
CA ARG A 61 13.89 18.38 -2.82
C ARG A 61 13.97 19.48 -3.86
N LYS A 62 14.78 19.26 -4.89
CA LYS A 62 14.86 20.26 -5.96
C LYS A 62 14.13 19.72 -7.19
N MET A 63 13.63 18.50 -7.07
CA MET A 63 12.89 17.87 -8.16
C MET A 63 11.40 18.12 -7.94
N PRO A 64 10.81 19.03 -8.73
CA PRO A 64 9.39 19.34 -8.60
C PRO A 64 8.40 18.17 -8.73
N GLU A 65 8.82 17.09 -9.37
CA GLU A 65 7.94 15.93 -9.53
C GLU A 65 7.82 15.09 -8.26
N ILE A 66 8.74 15.29 -7.30
CA ILE A 66 8.68 14.55 -6.04
C ILE A 66 7.93 15.41 -5.05
N GLN A 67 6.86 14.86 -4.50
CA GLN A 67 6.01 15.59 -3.58
C GLN A 67 6.16 15.33 -2.09
N MET A 68 6.37 14.08 -1.72
CA MET A 68 6.50 13.75 -0.31
C MET A 68 7.41 12.57 -0.12
N THR A 69 8.28 12.67 0.87
CA THR A 69 9.23 11.61 1.14
C THR A 69 9.24 11.22 2.59
N SER A 70 9.76 10.03 2.82
CA SER A 70 9.91 9.48 4.16
C SER A 70 11.21 8.70 4.09
N THR A 71 12.18 9.12 4.90
CA THR A 71 13.48 8.50 4.90
C THR A 71 13.71 7.63 6.12
N MET A 72 14.13 6.40 5.89
CA MET A 72 14.41 5.47 6.96
C MET A 72 15.86 5.03 6.84
N ILE A 73 16.66 5.48 7.81
CA ILE A 73 18.09 5.18 7.81
C ILE A 73 18.38 3.85 8.46
N ALA A 74 19.18 3.02 7.79
CA ALA A 74 19.53 1.71 8.33
C ALA A 74 20.37 1.93 9.57
N ILE A 75 20.12 1.13 10.60
CA ILE A 75 20.89 1.25 11.84
C ILE A 75 21.28 -0.13 12.35
N MET B 1 -7.12 -14.24 -11.56
CA MET B 1 -7.14 -12.78 -11.88
C MET B 1 -6.66 -11.96 -10.69
N VAL B 2 -6.39 -10.69 -10.93
CA VAL B 2 -5.92 -9.80 -9.88
C VAL B 2 -7.01 -8.76 -9.58
N THR B 3 -7.39 -8.63 -8.30
CA THR B 3 -8.39 -7.64 -7.90
C THR B 3 -7.66 -6.56 -7.08
N ALA B 4 -8.00 -5.30 -7.33
CA ALA B 4 -7.38 -4.17 -6.64
C ALA B 4 -8.35 -3.01 -6.41
N PHE B 5 -8.12 -2.25 -5.35
CA PHE B 5 -8.92 -1.07 -5.06
C PHE B 5 -7.99 0.14 -5.17
N ILE B 6 -8.39 1.10 -5.99
CA ILE B 6 -7.58 2.30 -6.18
C ILE B 6 -8.26 3.51 -5.56
N LEU B 7 -7.53 4.21 -4.69
CA LEU B 7 -8.04 5.41 -4.04
C LEU B 7 -7.49 6.55 -4.87
N MET B 8 -8.35 7.51 -5.20
CA MET B 8 -7.91 8.61 -6.06
C MET B 8 -8.28 10.01 -5.62
N VAL B 9 -7.40 10.93 -5.96
CA VAL B 9 -7.63 12.33 -5.71
C VAL B 9 -7.59 12.90 -7.11
N THR B 10 -8.59 13.70 -7.46
CA THR B 10 -8.65 14.29 -8.80
C THR B 10 -8.57 15.80 -8.65
N ALA B 11 -8.36 16.48 -9.77
CA ALA B 11 -8.31 17.93 -9.75
C ALA B 11 -9.72 18.41 -9.36
N ALA B 12 -9.81 19.60 -8.80
CA ALA B 12 -11.09 20.18 -8.39
C ALA B 12 -12.05 20.28 -9.58
N GLY B 13 -13.30 19.88 -9.37
CA GLY B 13 -14.29 19.93 -10.43
C GLY B 13 -14.08 18.94 -11.55
N LYS B 14 -13.32 17.88 -11.28
CA LYS B 14 -13.05 16.86 -12.29
C LYS B 14 -13.36 15.46 -11.81
N GLU B 15 -13.79 15.30 -10.56
CA GLU B 15 -14.04 13.95 -10.08
C GLU B 15 -15.10 13.22 -10.91
N ARG B 16 -16.12 13.94 -11.36
CA ARG B 16 -17.16 13.33 -12.19
C ARG B 16 -16.58 12.98 -13.58
N GLU B 17 -15.76 13.87 -14.10
CA GLU B 17 -15.13 13.65 -15.39
C GLU B 17 -14.31 12.36 -15.36
N VAL B 18 -13.58 12.16 -14.26
CA VAL B 18 -12.78 10.96 -14.09
C VAL B 18 -13.68 9.73 -13.96
N MET B 19 -14.73 9.84 -13.15
CA MET B 19 -15.68 8.73 -12.97
C MET B 19 -16.23 8.27 -14.31
N GLU B 20 -16.53 9.24 -15.18
CA GLU B 20 -17.07 8.91 -16.48
C GLU B 20 -16.05 8.18 -17.35
N LYS B 21 -14.78 8.49 -17.17
CA LYS B 21 -13.74 7.80 -17.92
C LYS B 21 -13.63 6.37 -17.38
N LEU B 22 -13.64 6.23 -16.06
CA LEU B 22 -13.51 4.94 -15.39
C LEU B 22 -14.67 4.00 -15.68
N LEU B 23 -15.89 4.53 -15.67
CA LEU B 23 -17.07 3.71 -15.91
C LEU B 23 -17.22 3.23 -17.35
N ALA B 24 -16.26 3.58 -18.21
CA ALA B 24 -16.27 3.14 -19.60
C ALA B 24 -15.14 2.08 -19.80
N MET B 25 -14.37 1.84 -18.74
CA MET B 25 -13.24 0.90 -18.78
C MET B 25 -13.62 -0.53 -18.39
N PRO B 26 -13.22 -1.51 -19.20
CA PRO B 26 -13.50 -2.93 -18.92
C PRO B 26 -12.98 -3.37 -17.56
N GLU B 27 -11.79 -2.89 -17.19
CA GLU B 27 -11.17 -3.26 -15.92
C GLU B 27 -11.89 -2.76 -14.67
N VAL B 28 -12.64 -1.68 -14.78
CA VAL B 28 -13.35 -1.15 -13.60
C VAL B 28 -14.61 -1.94 -13.34
N LYS B 29 -14.72 -2.51 -12.14
CA LYS B 29 -15.88 -3.31 -11.76
C LYS B 29 -16.88 -2.50 -10.96
N GLU B 30 -16.39 -1.50 -10.24
CA GLU B 30 -17.25 -0.61 -9.47
C GLU B 30 -16.45 0.63 -9.12
N ALA B 31 -17.13 1.77 -9.03
CA ALA B 31 -16.48 3.03 -8.71
C ALA B 31 -17.43 3.90 -7.93
N TYR B 32 -16.89 4.60 -6.94
CA TYR B 32 -17.69 5.45 -6.08
C TYR B 32 -16.98 6.74 -5.71
N VAL B 33 -17.77 7.80 -5.51
CA VAL B 33 -17.22 9.05 -5.05
C VAL B 33 -17.34 8.81 -3.55
N VAL B 34 -16.30 9.14 -2.80
CA VAL B 34 -16.32 8.94 -1.35
C VAL B 34 -15.90 10.20 -0.59
N TYR B 35 -16.30 10.27 0.69
CA TYR B 35 -15.93 11.39 1.56
C TYR B 35 -14.47 11.18 1.93
N GLY B 36 -13.87 12.19 2.55
CA GLY B 36 -12.50 12.04 3.00
C GLY B 36 -11.41 12.67 2.17
N GLU B 37 -10.18 12.28 2.46
CA GLU B 37 -9.03 12.83 1.75
C GLU B 37 -8.98 12.34 0.31
N TYR B 38 -9.63 11.22 0.03
CA TYR B 38 -9.69 10.68 -1.32
C TYR B 38 -11.04 11.00 -1.92
N ASP B 39 -11.07 11.26 -3.22
CA ASP B 39 -12.31 11.59 -3.90
C ASP B 39 -13.07 10.35 -4.36
N LEU B 40 -12.32 9.34 -4.82
CA LEU B 40 -12.93 8.12 -5.32
C LEU B 40 -12.21 6.85 -4.90
N ILE B 41 -12.95 5.76 -4.89
CA ILE B 41 -12.38 4.45 -4.62
C ILE B 41 -12.89 3.65 -5.82
N VAL B 42 -11.97 2.93 -6.46
CA VAL B 42 -12.32 2.15 -7.64
C VAL B 42 -11.85 0.69 -7.56
N LYS B 43 -12.74 -0.25 -7.88
CA LYS B 43 -12.40 -1.66 -7.85
C LYS B 43 -12.12 -2.11 -9.26
N VAL B 44 -10.91 -2.61 -9.52
CA VAL B 44 -10.54 -3.07 -10.85
C VAL B 44 -10.08 -4.52 -10.84
N GLU B 45 -10.16 -5.18 -12.00
CA GLU B 45 -9.69 -6.56 -12.14
C GLU B 45 -8.98 -6.74 -13.46
N THR B 46 -7.82 -7.41 -13.40
CA THR B 46 -7.03 -7.71 -14.59
C THR B 46 -6.71 -9.20 -14.55
N ASP B 47 -6.37 -9.76 -15.70
CA ASP B 47 -6.04 -11.18 -15.74
C ASP B 47 -4.77 -11.47 -14.97
N THR B 48 -3.75 -10.64 -15.21
CA THR B 48 -2.46 -10.83 -14.58
C THR B 48 -1.98 -9.58 -13.84
N LEU B 49 -0.96 -9.76 -12.99
CA LEU B 49 -0.40 -8.64 -12.26
C LEU B 49 0.25 -7.69 -13.27
N LYS B 50 0.84 -8.26 -14.32
CA LYS B 50 1.48 -7.46 -15.37
C LYS B 50 0.50 -6.53 -16.07
N ASP B 51 -0.74 -6.99 -16.28
CA ASP B 51 -1.76 -6.19 -16.92
C ASP B 51 -2.19 -5.07 -15.97
N LEU B 52 -2.21 -5.35 -14.67
CA LEU B 52 -2.58 -4.35 -13.68
C LEU B 52 -1.51 -3.26 -13.71
N ASP B 53 -0.25 -3.67 -13.76
CA ASP B 53 0.88 -2.75 -13.80
C ASP B 53 0.75 -1.77 -14.96
N GLN B 54 0.34 -2.30 -16.11
CA GLN B 54 0.16 -1.51 -17.33
C GLN B 54 -1.04 -0.58 -17.22
N PHE B 55 -2.16 -1.15 -16.78
CA PHE B 55 -3.39 -0.41 -16.60
C PHE B 55 -3.18 0.81 -15.71
N ILE B 56 -2.69 0.57 -14.50
CA ILE B 56 -2.48 1.66 -13.56
C ILE B 56 -1.42 2.68 -13.96
N THR B 57 -0.27 2.24 -14.47
CA THR B 57 0.75 3.21 -14.87
C THR B 57 0.43 3.92 -16.19
N GLU B 58 -0.31 3.25 -17.07
CA GLU B 58 -0.64 3.84 -18.37
C GLU B 58 -2.01 4.48 -18.44
N LYS B 59 -3.04 3.80 -17.94
CA LYS B 59 -4.38 4.35 -18.00
C LYS B 59 -4.67 5.31 -16.85
N ILE B 60 -4.62 4.79 -15.62
CA ILE B 60 -4.92 5.61 -14.45
C ILE B 60 -3.95 6.75 -14.15
N ARG B 61 -2.70 6.43 -13.85
CA ARG B 61 -1.73 7.44 -13.51
C ARG B 61 -1.45 8.50 -14.57
N LYS B 62 -1.76 8.20 -15.83
CA LYS B 62 -1.53 9.14 -16.92
C LYS B 62 -2.73 10.05 -17.21
N MET B 63 -3.86 9.77 -16.57
CA MET B 63 -5.08 10.55 -16.73
C MET B 63 -4.76 11.97 -16.23
N PRO B 64 -4.88 12.99 -17.10
CA PRO B 64 -4.56 14.38 -16.71
C PRO B 64 -5.26 14.89 -15.47
N GLU B 65 -6.46 14.39 -15.21
CA GLU B 65 -7.26 14.83 -14.08
C GLU B 65 -6.86 14.24 -12.75
N ILE B 66 -6.03 13.21 -12.77
CA ILE B 66 -5.62 12.57 -11.53
C ILE B 66 -4.37 13.17 -10.92
N GLN B 67 -4.43 13.46 -9.64
CA GLN B 67 -3.31 14.07 -8.94
C GLN B 67 -2.56 13.06 -8.08
N MET B 68 -3.27 12.07 -7.54
CA MET B 68 -2.61 11.04 -6.76
C MET B 68 -3.48 9.80 -6.66
N THR B 69 -2.84 8.67 -6.40
CA THR B 69 -3.53 7.40 -6.29
C THR B 69 -2.79 6.48 -5.33
N SER B 70 -3.56 5.60 -4.69
CA SER B 70 -2.99 4.64 -3.77
C SER B 70 -3.78 3.36 -4.03
N THR B 71 -3.10 2.36 -4.57
CA THR B 71 -3.70 1.08 -4.93
C THR B 71 -3.45 -0.03 -3.92
N MET B 72 -4.52 -0.71 -3.56
CA MET B 72 -4.46 -1.81 -2.61
C MET B 72 -4.79 -3.13 -3.30
N ILE B 73 -3.75 -3.89 -3.64
CA ILE B 73 -3.91 -5.17 -4.30
C ILE B 73 -4.51 -6.16 -3.30
N ALA B 74 -5.54 -6.90 -3.71
CA ALA B 74 -6.17 -7.86 -2.82
C ALA B 74 -5.53 -9.24 -2.92
N ILE B 75 -5.54 -9.97 -1.81
CA ILE B 75 -4.98 -11.32 -1.81
C ILE B 75 -6.00 -12.26 -2.43
N MET C 1 -30.40 4.54 1.28
CA MET C 1 -29.43 3.52 1.75
C MET C 1 -28.05 4.17 1.91
N VAL C 2 -27.24 3.62 2.79
CA VAL C 2 -25.91 4.14 3.02
C VAL C 2 -24.84 3.11 2.67
N THR C 3 -23.99 3.45 1.71
CA THR C 3 -22.91 2.56 1.30
C THR C 3 -21.59 3.10 1.82
N ALA C 4 -20.77 2.22 2.41
CA ALA C 4 -19.51 2.65 2.95
C ALA C 4 -18.41 1.61 2.83
N PHE C 5 -17.17 2.09 2.70
CA PHE C 5 -16.00 1.21 2.63
C PHE C 5 -15.25 1.40 3.93
N ILE C 6 -14.91 0.30 4.58
CA ILE C 6 -14.19 0.36 5.83
C ILE C 6 -12.84 -0.33 5.68
N LEU C 7 -11.79 0.42 5.99
CA LEU C 7 -10.42 -0.10 5.91
C LEU C 7 -10.02 -0.46 7.32
N MET C 8 -9.49 -1.66 7.48
CA MET C 8 -9.11 -2.12 8.79
C MET C 8 -7.71 -2.70 8.84
N VAL C 9 -7.12 -2.57 10.02
CA VAL C 9 -5.82 -3.13 10.30
C VAL C 9 -6.20 -4.22 11.28
N THR C 10 -5.55 -5.37 11.20
CA THR C 10 -5.89 -6.45 12.12
C THR C 10 -4.63 -7.05 12.72
N ALA C 11 -4.82 -7.80 13.80
CA ALA C 11 -3.70 -8.44 14.45
C ALA C 11 -3.06 -9.34 13.39
N ALA C 12 -1.76 -9.19 13.21
CA ALA C 12 -1.03 -9.97 12.22
C ALA C 12 -1.35 -11.46 12.28
N GLY C 13 -1.73 -12.02 11.14
CA GLY C 13 -2.04 -13.43 11.08
C GLY C 13 -3.47 -13.79 11.44
N LYS C 14 -4.27 -12.77 11.73
CA LYS C 14 -5.67 -12.95 12.10
C LYS C 14 -6.60 -12.43 11.01
N GLU C 15 -6.04 -11.77 10.00
CA GLU C 15 -6.82 -11.18 8.92
C GLU C 15 -7.87 -12.07 8.25
N ARG C 16 -7.53 -13.33 7.99
CA ARG C 16 -8.49 -14.23 7.35
C ARG C 16 -9.63 -14.74 8.22
N GLU C 17 -9.34 -15.18 9.43
CA GLU C 17 -10.42 -15.65 10.30
C GLU C 17 -11.37 -14.49 10.62
N VAL C 18 -10.85 -13.27 10.56
CA VAL C 18 -11.64 -12.06 10.81
C VAL C 18 -12.54 -11.80 9.61
N MET C 19 -11.99 -12.00 8.42
CA MET C 19 -12.74 -11.77 7.20
C MET C 19 -13.92 -12.72 7.13
N GLU C 20 -13.71 -13.97 7.51
CA GLU C 20 -14.77 -14.97 7.50
C GLU C 20 -15.93 -14.44 8.32
N LYS C 21 -15.61 -13.92 9.51
CA LYS C 21 -16.64 -13.38 10.39
C LYS C 21 -17.39 -12.25 9.70
N LEU C 22 -16.64 -11.40 9.01
CA LEU C 22 -17.23 -10.26 8.31
C LEU C 22 -18.15 -10.69 7.17
N LEU C 23 -17.71 -11.66 6.38
CA LEU C 23 -18.52 -12.18 5.27
C LEU C 23 -19.82 -12.82 5.77
N ALA C 24 -19.86 -13.14 7.06
CA ALA C 24 -21.03 -13.76 7.66
C ALA C 24 -22.07 -12.67 7.98
N MET C 25 -21.58 -11.46 8.22
CA MET C 25 -22.45 -10.32 8.53
C MET C 25 -23.19 -9.88 7.27
N PRO C 26 -24.53 -9.75 7.37
CA PRO C 26 -25.39 -9.34 6.27
C PRO C 26 -25.11 -7.95 5.69
N GLU C 27 -24.63 -7.04 6.53
CA GLU C 27 -24.32 -5.68 6.06
C GLU C 27 -23.10 -5.65 5.14
N VAL C 28 -22.27 -6.69 5.25
CA VAL C 28 -21.06 -6.81 4.45
C VAL C 28 -21.35 -7.34 3.04
N LYS C 29 -21.15 -6.50 2.03
CA LYS C 29 -21.39 -6.90 0.65
C LYS C 29 -20.19 -7.56 -0.02
N GLU C 30 -18.98 -7.15 0.39
CA GLU C 30 -17.75 -7.74 -0.12
C GLU C 30 -16.65 -7.46 0.88
N ALA C 31 -15.66 -8.35 0.94
CA ALA C 31 -14.54 -8.19 1.86
C ALA C 31 -13.30 -8.78 1.21
N TYR C 32 -12.17 -8.09 1.38
CA TYR C 32 -10.92 -8.54 0.81
C TYR C 32 -9.75 -8.28 1.76
N VAL C 33 -8.77 -9.17 1.71
CA VAL C 33 -7.57 -8.98 2.50
C VAL C 33 -6.71 -8.21 1.50
N VAL C 34 -6.14 -7.08 1.91
CA VAL C 34 -5.35 -6.25 1.02
C VAL C 34 -3.92 -5.95 1.46
N TYR C 35 -3.08 -5.57 0.50
CA TYR C 35 -1.68 -5.19 0.71
C TYR C 35 -1.62 -3.67 0.95
N GLY C 36 -0.75 -3.22 1.84
CA GLY C 36 -0.67 -1.80 2.11
C GLY C 36 -0.80 -1.49 3.59
N GLU C 37 -1.05 -0.23 3.89
CA GLU C 37 -1.18 0.22 5.28
C GLU C 37 -2.31 -0.52 5.99
N TYR C 38 -3.38 -0.83 5.27
CA TYR C 38 -4.51 -1.55 5.82
C TYR C 38 -4.44 -3.00 5.42
N ASP C 39 -5.11 -3.86 6.18
CA ASP C 39 -5.10 -5.29 5.93
C ASP C 39 -6.40 -5.82 5.36
N LEU C 40 -7.48 -5.08 5.62
CA LEU C 40 -8.80 -5.50 5.18
C LEU C 40 -9.63 -4.34 4.67
N ILE C 41 -10.51 -4.65 3.74
CA ILE C 41 -11.42 -3.65 3.21
C ILE C 41 -12.77 -4.32 2.99
N VAL C 42 -13.81 -3.75 3.57
CA VAL C 42 -15.14 -4.29 3.40
C VAL C 42 -16.08 -3.21 2.90
N LYS C 43 -17.01 -3.61 2.05
CA LYS C 43 -18.00 -2.68 1.53
C LYS C 43 -19.25 -3.02 2.32
N VAL C 44 -19.76 -2.04 3.05
CA VAL C 44 -20.95 -2.22 3.86
C VAL C 44 -22.14 -1.43 3.30
N GLU C 45 -23.35 -1.93 3.55
CA GLU C 45 -24.56 -1.25 3.11
C GLU C 45 -25.64 -1.33 4.16
N THR C 46 -26.00 -0.17 4.71
CA THR C 46 -27.04 -0.08 5.72
C THR C 46 -28.12 0.87 5.23
N ASP C 47 -29.25 0.86 5.91
CA ASP C 47 -30.35 1.73 5.53
C ASP C 47 -30.11 3.15 6.04
N THR C 48 -29.52 3.28 7.24
CA THR C 48 -29.23 4.58 7.83
C THR C 48 -27.82 4.73 8.41
N LEU C 49 -27.38 5.97 8.58
CA LEU C 49 -26.06 6.26 9.14
C LEU C 49 -26.06 5.66 10.53
N LYS C 50 -27.18 5.84 11.23
CA LYS C 50 -27.37 5.33 12.58
C LYS C 50 -26.98 3.85 12.62
N ASP C 51 -27.53 3.09 11.69
CA ASP C 51 -27.25 1.66 11.60
C ASP C 51 -25.80 1.37 11.26
N LEU C 52 -25.16 2.28 10.51
CA LEU C 52 -23.76 2.09 10.14
C LEU C 52 -22.86 2.30 11.34
N ASP C 53 -23.07 3.38 12.06
CA ASP C 53 -22.25 3.65 13.25
C ASP C 53 -22.47 2.52 14.26
N GLN C 54 -23.71 2.06 14.32
CA GLN C 54 -24.12 1.00 15.22
C GLN C 54 -23.45 -0.31 14.80
N PHE C 55 -23.27 -0.49 13.50
CA PHE C 55 -22.63 -1.69 12.97
C PHE C 55 -21.16 -1.76 13.32
N ILE C 56 -20.50 -0.61 13.30
CA ILE C 56 -19.09 -0.56 13.61
C ILE C 56 -18.83 -0.73 15.10
N THR C 57 -19.55 0.03 15.92
CA THR C 57 -19.38 -0.05 17.36
C THR C 57 -19.91 -1.35 17.97
N GLU C 58 -20.72 -2.09 17.21
CA GLU C 58 -21.28 -3.36 17.71
C GLU C 58 -20.62 -4.61 17.17
N LYS C 59 -20.34 -4.62 15.86
CA LYS C 59 -19.73 -5.78 15.23
C LYS C 59 -18.26 -5.61 14.84
N ILE C 60 -17.86 -4.40 14.47
CA ILE C 60 -16.48 -4.15 14.07
C ILE C 60 -15.57 -3.80 15.24
N ARG C 61 -15.84 -2.69 15.90
CA ARG C 61 -15.02 -2.28 17.04
C ARG C 61 -15.05 -3.27 18.20
N LYS C 62 -16.02 -4.20 18.20
CA LYS C 62 -16.09 -5.17 19.28
C LYS C 62 -15.18 -6.38 19.05
N MET C 63 -14.67 -6.53 17.82
CA MET C 63 -13.78 -7.65 17.52
C MET C 63 -12.37 -7.31 17.95
N PRO C 64 -11.83 -8.05 18.92
CA PRO C 64 -10.47 -7.81 19.45
C PRO C 64 -9.40 -7.80 18.37
N GLU C 65 -9.52 -8.71 17.40
CA GLU C 65 -8.55 -8.81 16.30
C GLU C 65 -8.40 -7.48 15.57
N ILE C 66 -9.51 -6.79 15.34
CA ILE C 66 -9.47 -5.51 14.65
C ILE C 66 -8.83 -4.44 15.52
N GLN C 67 -7.73 -3.88 15.02
CA GLN C 67 -6.99 -2.87 15.77
C GLN C 67 -7.23 -1.45 15.31
N MET C 68 -7.73 -1.25 14.09
CA MET C 68 -7.96 0.11 13.62
C MET C 68 -8.81 0.15 12.36
N THR C 69 -9.71 1.10 12.30
CA THR C 69 -10.58 1.24 11.13
C THR C 69 -10.64 2.68 10.63
N SER C 70 -10.88 2.81 9.34
CA SER C 70 -11.01 4.10 8.69
C SER C 70 -12.23 3.92 7.79
N THR C 71 -13.19 4.82 7.91
CA THR C 71 -14.42 4.70 7.13
C THR C 71 -14.61 5.77 6.07
N MET C 72 -14.93 5.34 4.86
CA MET C 72 -15.19 6.25 3.76
C MET C 72 -16.61 6.03 3.28
N ILE C 73 -17.50 6.97 3.56
CA ILE C 73 -18.87 6.83 3.14
C ILE C 73 -18.94 7.18 1.67
N ALA C 74 -19.58 6.31 0.89
CA ALA C 74 -19.73 6.54 -0.55
C ALA C 74 -20.86 7.52 -0.81
N ILE C 75 -20.66 8.39 -1.80
CA ILE C 75 -21.66 9.38 -2.19
C ILE C 75 -22.35 8.91 -3.48
N MET D 1 8.63 -12.76 -12.26
CA MET D 1 9.00 -12.61 -10.82
C MET D 1 8.31 -11.40 -10.20
N VAL D 2 7.90 -11.55 -8.94
CA VAL D 2 7.25 -10.48 -8.21
C VAL D 2 8.21 -9.98 -7.12
N THR D 3 8.49 -8.69 -7.12
CA THR D 3 9.39 -8.10 -6.12
C THR D 3 8.53 -7.21 -5.21
N ALA D 4 8.79 -7.26 -3.90
CA ALA D 4 8.03 -6.44 -2.97
C ALA D 4 8.88 -6.01 -1.76
N PHE D 5 8.50 -4.88 -1.16
CA PHE D 5 9.20 -4.38 0.01
C PHE D 5 8.21 -4.38 1.16
N ILE D 6 8.58 -5.03 2.26
CA ILE D 6 7.73 -5.09 3.43
C ILE D 6 8.24 -4.20 4.54
N LEU D 7 7.39 -3.31 5.02
CA LEU D 7 7.73 -2.42 6.11
C LEU D 7 7.15 -3.15 7.32
N MET D 8 7.98 -3.45 8.31
CA MET D 8 7.48 -4.18 9.47
C MET D 8 7.70 -3.52 10.82
N VAL D 9 6.72 -3.69 11.70
CA VAL D 9 6.77 -3.20 13.06
C VAL D 9 6.81 -4.48 13.87
N THR D 10 7.85 -4.63 14.69
CA THR D 10 7.99 -5.83 15.52
C THR D 10 7.96 -5.45 16.99
N ALA D 11 7.70 -6.41 17.86
CA ALA D 11 7.68 -6.16 19.29
C ALA D 11 9.07 -5.63 19.65
N ALA D 12 9.13 -4.58 20.46
CA ALA D 12 10.39 -3.98 20.86
C ALA D 12 11.43 -5.01 21.33
N GLY D 13 12.68 -4.78 20.94
CA GLY D 13 13.77 -5.68 21.31
C GLY D 13 13.84 -6.98 20.53
N LYS D 14 12.97 -7.14 19.54
CA LYS D 14 12.96 -8.36 18.74
C LYS D 14 13.39 -8.13 17.31
N GLU D 15 13.68 -6.88 16.96
CA GLU D 15 14.09 -6.49 15.61
C GLU D 15 15.22 -7.30 15.01
N ARG D 16 16.29 -7.48 15.79
CA ARG D 16 17.46 -8.22 15.31
C ARG D 16 17.18 -9.70 15.11
N GLU D 17 16.58 -10.35 16.11
CA GLU D 17 16.31 -11.77 15.99
C GLU D 17 15.30 -12.09 14.88
N VAL D 18 14.39 -11.17 14.62
CA VAL D 18 13.40 -11.35 13.56
C VAL D 18 14.11 -11.25 12.21
N MET D 19 15.02 -10.28 12.09
CA MET D 19 15.77 -10.11 10.85
C MET D 19 16.56 -11.36 10.51
N GLU D 20 17.19 -11.97 11.52
CA GLU D 20 17.95 -13.17 11.26
C GLU D 20 17.05 -14.32 10.78
N LYS D 21 15.80 -14.35 11.24
CA LYS D 21 14.88 -15.39 10.78
C LYS D 21 14.53 -15.09 9.32
N LEU D 22 14.31 -13.81 9.01
CA LEU D 22 13.98 -13.41 7.66
C LEU D 22 15.11 -13.70 6.69
N LEU D 23 16.33 -13.29 7.06
CA LEU D 23 17.49 -13.50 6.20
C LEU D 23 17.66 -14.97 5.85
N ALA D 24 17.08 -15.84 6.66
CA ALA D 24 17.18 -17.28 6.43
C ALA D 24 16.16 -17.77 5.39
N MET D 25 15.14 -16.95 5.12
CA MET D 25 14.12 -17.34 4.14
C MET D 25 14.64 -17.06 2.74
N PRO D 26 14.46 -18.02 1.83
CA PRO D 26 14.94 -17.78 0.46
C PRO D 26 14.18 -16.69 -0.29
N GLU D 27 12.98 -16.35 0.19
CA GLU D 27 12.18 -15.30 -0.46
C GLU D 27 12.79 -13.92 -0.16
N VAL D 28 13.47 -13.81 0.98
CA VAL D 28 14.08 -12.57 1.40
C VAL D 28 15.40 -12.28 0.70
N LYS D 29 15.48 -11.13 0.03
CA LYS D 29 16.68 -10.73 -0.68
C LYS D 29 17.48 -9.69 0.10
N GLU D 30 16.79 -8.90 0.91
CA GLU D 30 17.44 -7.88 1.73
C GLU D 30 16.59 -7.62 2.97
N ALA D 31 17.25 -7.33 4.09
CA ALA D 31 16.53 -7.01 5.31
C ALA D 31 17.38 -6.01 6.06
N TYR D 32 16.74 -4.96 6.58
CA TYR D 32 17.45 -3.92 7.31
C TYR D 32 16.66 -3.46 8.52
N VAL D 33 17.37 -3.24 9.62
CA VAL D 33 16.71 -2.72 10.82
C VAL D 33 16.82 -1.21 10.57
N VAL D 34 15.72 -0.48 10.69
CA VAL D 34 15.78 0.95 10.44
C VAL D 34 15.24 1.80 11.58
N TYR D 35 15.57 3.08 11.51
CA TYR D 35 15.14 4.03 12.51
C TYR D 35 13.85 4.74 12.11
N GLY D 36 12.88 4.76 13.01
CA GLY D 36 11.64 5.45 12.70
C GLY D 36 10.33 4.72 12.98
N GLU D 37 9.35 5.06 12.16
CA GLU D 37 8.01 4.48 12.24
C GLU D 37 8.08 2.95 12.18
N TYR D 38 8.79 2.45 11.19
CA TYR D 38 8.93 1.01 11.00
C TYR D 38 10.26 0.51 11.55
N ASP D 39 10.28 -0.72 12.04
CA ASP D 39 11.49 -1.29 12.60
C ASP D 39 12.33 -2.01 11.58
N LEU D 40 11.68 -2.55 10.55
CA LEU D 40 12.38 -3.29 9.52
C LEU D 40 11.85 -3.02 8.12
N ILE D 41 12.75 -3.06 7.15
CA ILE D 41 12.38 -2.93 5.76
C ILE D 41 12.97 -4.20 5.14
N VAL D 42 12.13 -4.97 4.46
CA VAL D 42 12.55 -6.22 3.88
C VAL D 42 12.21 -6.32 2.39
N LYS D 43 13.19 -6.71 1.58
CA LYS D 43 12.96 -6.89 0.15
C LYS D 43 12.74 -8.36 -0.10
N VAL D 44 11.64 -8.71 -0.76
CA VAL D 44 11.37 -10.10 -1.03
C VAL D 44 11.07 -10.34 -2.51
N GLU D 45 11.22 -11.59 -2.94
CA GLU D 45 10.92 -11.95 -4.31
C GLU D 45 10.34 -13.36 -4.34
N THR D 46 9.38 -13.55 -5.23
CA THR D 46 8.71 -14.82 -5.44
C THR D 46 8.50 -14.89 -6.94
N ASP D 47 8.09 -16.06 -7.43
CA ASP D 47 7.89 -16.22 -8.87
C ASP D 47 6.54 -15.68 -9.31
N THR D 48 5.51 -15.92 -8.51
CA THR D 48 4.16 -15.45 -8.84
C THR D 48 3.57 -14.64 -7.69
N LEU D 49 2.49 -13.91 -7.96
CA LEU D 49 1.83 -13.13 -6.94
C LEU D 49 1.17 -14.09 -5.96
N LYS D 50 0.70 -15.23 -6.48
CA LYS D 50 0.06 -16.24 -5.64
C LYS D 50 1.03 -16.68 -4.55
N ASP D 51 2.30 -16.87 -4.93
CA ASP D 51 3.33 -17.27 -3.97
C ASP D 51 3.59 -16.19 -2.93
N LEU D 52 3.59 -14.93 -3.36
CA LEU D 52 3.80 -13.83 -2.45
C LEU D 52 2.67 -13.79 -1.43
N ASP D 53 1.43 -13.92 -1.89
CA ASP D 53 0.27 -13.91 -0.98
C ASP D 53 0.46 -14.95 0.10
N GLN D 54 0.78 -16.17 -0.33
CA GLN D 54 0.97 -17.29 0.58
C GLN D 54 2.12 -17.04 1.55
N PHE D 55 3.24 -16.57 1.01
CA PHE D 55 4.42 -16.28 1.83
C PHE D 55 4.18 -15.25 2.93
N ILE D 56 3.46 -14.19 2.60
CA ILE D 56 3.20 -13.13 3.57
C ILE D 56 2.12 -13.48 4.57
N THR D 57 1.05 -14.10 4.10
CA THR D 57 -0.05 -14.47 4.99
C THR D 57 0.25 -15.72 5.81
N GLU D 58 1.04 -16.65 5.26
CA GLU D 58 1.34 -17.89 5.98
C GLU D 58 2.65 -17.91 6.77
N LYS D 59 3.64 -17.17 6.32
CA LYS D 59 4.93 -17.13 7.02
C LYS D 59 5.14 -15.83 7.77
N ILE D 60 5.32 -14.74 7.02
CA ILE D 60 5.55 -13.44 7.64
C ILE D 60 4.54 -13.09 8.72
N ARG D 61 3.27 -12.99 8.36
CA ARG D 61 2.24 -12.62 9.33
C ARG D 61 2.04 -13.57 10.52
N LYS D 62 2.51 -14.81 10.40
CA LYS D 62 2.36 -15.78 11.48
C LYS D 62 3.52 -15.72 12.46
N MET D 63 4.57 -14.95 12.13
CA MET D 63 5.69 -14.81 13.05
C MET D 63 5.19 -14.02 14.25
N PRO D 64 5.27 -14.61 15.46
CA PRO D 64 4.81 -13.99 16.71
C PRO D 64 5.39 -12.63 17.11
N GLU D 65 6.61 -12.33 16.67
CA GLU D 65 7.25 -11.06 17.00
C GLU D 65 6.82 -9.92 16.07
N ILE D 66 6.21 -10.25 14.93
CA ILE D 66 5.76 -9.25 13.97
C ILE D 66 4.37 -8.73 14.33
N GLN D 67 4.26 -7.42 14.51
CA GLN D 67 3.01 -6.78 14.90
C GLN D 67 2.24 -6.20 13.71
N MET D 68 2.94 -5.50 12.82
CA MET D 68 2.33 -4.91 11.64
C MET D 68 3.24 -5.05 10.43
N THR D 69 2.63 -5.10 9.25
CA THR D 69 3.38 -5.18 8.00
C THR D 69 2.65 -4.37 6.96
N SER D 70 3.41 -3.72 6.09
CA SER D 70 2.86 -2.94 5.00
C SER D 70 3.73 -3.29 3.80
N THR D 71 3.20 -4.17 2.96
CA THR D 71 3.89 -4.65 1.78
C THR D 71 3.62 -3.77 0.56
N MET D 72 4.70 -3.41 -0.12
CA MET D 72 4.62 -2.57 -1.30
C MET D 72 5.14 -3.36 -2.48
N ILE D 73 4.23 -3.80 -3.33
CA ILE D 73 4.60 -4.59 -4.50
C ILE D 73 5.19 -3.66 -5.54
N ALA D 74 6.24 -4.12 -6.21
CA ALA D 74 6.93 -3.34 -7.23
C ALA D 74 6.39 -3.60 -8.63
N ILE D 75 6.49 -2.60 -9.50
CA ILE D 75 6.05 -2.75 -10.88
C ILE D 75 7.21 -3.39 -11.63
#